data_2ANY
#
_entry.id   2ANY
#
_cell.length_a   55.187
_cell.length_b   57.359
_cell.length_c   79.846
_cell.angle_alpha   90.0
_cell.angle_beta   90.0
_cell.angle_gamma   90.0
#
_symmetry.space_group_name_H-M   'P 21 21 21'
#
loop_
_entity.id
_entity.type
_entity.pdbx_description
1 polymer 'plasma kallikrein, light chain'
2 non-polymer 'PHOSPHATE ION'
3 non-polymer BENZAMIDINE
4 water water
#
_entity_poly.entity_id   1
_entity_poly.type   'polypeptide(L)'
_entity_poly.pdbx_seq_one_letter_code
;IVGGTESSWGEWPWQVSLQVKLTAQRHLCGGSLIGHQWVLTAAHCFDGLPLQDVWRIYSGILELSDITKDTPFSQIKEII
IHQNYKVSEGNHDIALIKLQAPLEYTEFQKPISLPSKGDTSTIYTNCWVTGWGFSKEKGEIQNILQKVNIPLVTNEECQK
RYQDYKITQRMVCAGYKEGGKDACKGDSGGPLVCKHNGMWRLVGITSWGEGCARREQPGVYTKVAEYMDWILEKTQSSDG
K
;
_entity_poly.pdbx_strand_id   A
#
# COMPACT_ATOMS: atom_id res chain seq x y z
N ILE A 1 -10.12 -4.56 2.25
CA ILE A 1 -10.38 -4.96 0.88
C ILE A 1 -11.86 -5.41 0.83
N VAL A 2 -12.60 -4.77 -0.09
CA VAL A 2 -14.00 -5.13 -0.34
C VAL A 2 -14.06 -6.13 -1.51
N GLY A 3 -14.81 -7.23 -1.36
CA GLY A 3 -15.03 -8.21 -2.41
C GLY A 3 -13.81 -9.08 -2.76
N GLY A 4 -12.90 -9.24 -1.77
CA GLY A 4 -11.71 -10.01 -1.88
C GLY A 4 -11.87 -11.39 -1.28
N THR A 5 -10.82 -12.20 -1.29
CA THR A 5 -10.80 -13.53 -0.65
C THR A 5 -9.48 -13.66 0.11
N GLU A 6 -9.34 -14.76 0.86
CA GLU A 6 -8.18 -15.02 1.71
C GLU A 6 -6.94 -15.35 0.89
N SER A 7 -5.82 -14.72 1.23
CA SER A 7 -4.54 -15.02 0.61
C SER A 7 -3.87 -16.23 1.25
N SER A 8 -2.82 -16.78 0.63
CA SER A 8 -2.11 -17.93 1.18
C SER A 8 -0.67 -17.50 1.57
N TRP A 9 -0.04 -18.33 2.42
CA TRP A 9 1.36 -18.11 2.77
C TRP A 9 2.26 -17.92 1.54
N GLY A 10 3.12 -16.92 1.53
CA GLY A 10 4.06 -16.67 0.45
C GLY A 10 3.44 -16.00 -0.78
N GLU A 11 2.10 -15.80 -0.83
CA GLU A 11 1.50 -15.25 -2.03
C GLU A 11 1.92 -13.83 -2.29
N TRP A 12 1.98 -13.01 -1.22
CA TRP A 12 2.29 -11.58 -1.28
C TRP A 12 3.39 -11.30 -0.24
N PRO A 13 4.62 -11.80 -0.50
CA PRO A 13 5.71 -11.81 0.50
C PRO A 13 6.26 -10.41 0.85
N TRP A 14 5.91 -9.40 0.06
CA TRP A 14 6.24 -8.01 0.29
C TRP A 14 5.24 -7.27 1.20
N GLN A 15 4.05 -7.82 1.44
CA GLN A 15 3.01 -7.12 2.22
C GLN A 15 3.43 -7.05 3.69
N VAL A 16 3.39 -5.87 4.27
CA VAL A 16 3.61 -5.73 5.71
C VAL A 16 2.41 -5.00 6.36
N SER A 17 2.33 -5.13 7.66
CA SER A 17 1.32 -4.50 8.49
C SER A 17 2.02 -3.54 9.43
N LEU A 18 1.57 -2.29 9.43
CA LEU A 18 2.09 -1.23 10.29
C LEU A 18 1.10 -1.10 11.47
N GLN A 19 1.57 -1.44 12.68
CA GLN A 19 0.74 -1.49 13.87
C GLN A 19 1.25 -0.52 14.92
N VAL A 20 0.34 -0.06 15.80
CA VAL A 20 0.74 0.84 16.88
C VAL A 20 0.33 0.13 18.16
N LYS A 21 1.24 0.23 19.13
CA LYS A 21 1.05 -0.48 20.37
C LYS A 21 0.46 0.54 21.34
N LEU A 22 -0.85 0.44 21.51
CA LEU A 22 -1.65 1.30 22.38
C LEU A 22 -2.08 0.38 23.51
N THR A 23 -3.25 0.44 24.16
CA THR A 23 -3.57 -0.55 25.17
C THR A 23 -3.66 -1.93 24.52
N ALA A 24 -4.33 -1.94 23.39
CA ALA A 24 -4.31 -3.07 22.51
C ALA A 24 -3.39 -2.66 21.35
N GLN A 25 -2.84 -3.63 20.65
CA GLN A 25 -2.00 -3.36 19.50
C GLN A 25 -2.98 -3.37 18.32
N ARG A 26 -2.85 -2.40 17.47
CA ARG A 26 -3.78 -2.22 16.38
C ARG A 26 -3.09 -2.00 15.03
N HIS A 27 -3.50 -2.75 14.02
CA HIS A 27 -3.14 -2.55 12.62
C HIS A 27 -3.73 -1.22 12.16
N LEU A 28 -2.94 -0.31 11.63
CA LEU A 28 -3.43 0.91 11.07
C LEU A 28 -3.28 1.01 9.55
N CYS A 29 -2.19 0.52 8.94
CA CYS A 29 -1.88 0.74 7.51
C CYS A 29 -1.10 -0.46 6.95
N GLY A 30 -1.09 -0.63 5.63
CA GLY A 30 -0.23 -1.62 5.02
C GLY A 30 1.03 -0.88 4.58
N GLY A 31 1.93 -1.67 4.04
CA GLY A 31 3.15 -1.18 3.42
C GLY A 31 3.70 -2.29 2.50
N SER A 32 4.76 -1.97 1.75
CA SER A 32 5.45 -2.92 0.88
C SER A 32 6.95 -2.90 1.12
N LEU A 33 7.51 -4.07 1.43
CA LEU A 33 8.96 -4.23 1.57
C LEU A 33 9.56 -4.04 0.17
N ILE A 34 10.46 -3.07 0.04
CA ILE A 34 11.10 -2.84 -1.26
C ILE A 34 12.62 -3.13 -1.21
N GLY A 35 13.18 -3.39 -0.02
CA GLY A 35 14.61 -3.75 0.13
C GLY A 35 14.77 -4.25 1.56
N HIS A 36 15.96 -4.78 1.90
CA HIS A 36 16.25 -5.34 3.21
C HIS A 36 15.87 -4.40 4.35
N GLN A 37 16.11 -3.11 4.19
CA GLN A 37 15.88 -2.16 5.27
C GLN A 37 14.81 -1.12 4.94
N TRP A 38 14.00 -1.32 3.89
CA TRP A 38 13.09 -0.24 3.44
C TRP A 38 11.69 -0.77 3.15
N VAL A 39 10.75 0.01 3.67
CA VAL A 39 9.33 -0.23 3.44
C VAL A 39 8.75 1.06 2.79
N LEU A 40 7.91 0.93 1.75
CA LEU A 40 7.27 2.06 1.09
C LEU A 40 5.79 2.04 1.54
N THR A 41 5.24 3.19 1.94
CA THR A 41 3.86 3.25 2.42
C THR A 41 3.30 4.63 2.02
N ALA A 42 2.09 4.94 2.51
CA ALA A 42 1.46 6.23 2.27
C ALA A 42 1.80 7.22 3.41
N ALA A 43 2.12 8.45 3.03
CA ALA A 43 2.45 9.52 3.99
C ALA A 43 1.32 9.79 4.97
N HIS A 44 0.07 9.63 4.54
CA HIS A 44 -1.05 10.00 5.42
C HIS A 44 -1.17 9.01 6.56
N CYS A 45 -0.49 7.84 6.56
CA CYS A 45 -0.53 6.95 7.68
C CYS A 45 0.08 7.63 8.91
N PHE A 46 0.83 8.70 8.76
CA PHE A 46 1.53 9.36 9.87
C PHE A 46 0.88 10.71 10.24
N ASP A 47 -0.39 10.88 9.86
CA ASP A 47 -1.07 12.14 10.13
C ASP A 47 -1.35 12.42 11.61
N GLY A 48 -1.21 11.44 12.50
CA GLY A 48 -1.35 11.59 13.93
C GLY A 48 -0.11 12.24 14.54
N LEU A 49 0.53 11.50 15.42
CA LEU A 49 1.74 11.94 16.13
C LEU A 49 3.00 11.46 15.42
N PRO A 50 4.13 12.18 15.52
CA PRO A 50 5.37 11.80 14.84
C PRO A 50 6.20 10.72 15.53
N LEU A 51 5.73 10.20 16.68
CA LEU A 51 6.44 9.23 17.48
C LEU A 51 6.81 7.97 16.70
N GLN A 52 8.06 7.57 16.66
CA GLN A 52 8.48 6.38 15.91
C GLN A 52 8.40 5.10 16.72
N ASP A 53 8.69 5.14 18.05
CA ASP A 53 8.74 3.92 18.86
C ASP A 53 7.41 3.24 19.08
N VAL A 54 6.28 3.94 18.87
CA VAL A 54 4.95 3.32 19.00
C VAL A 54 4.67 2.26 17.88
N TRP A 55 5.38 2.37 16.75
CA TRP A 55 5.10 1.51 15.61
C TRP A 55 5.84 0.18 15.67
N ARG A 56 5.13 -0.89 15.29
CA ARG A 56 5.70 -2.23 15.08
C ARG A 56 5.33 -2.65 13.64
N ILE A 57 6.32 -3.14 12.87
CA ILE A 57 6.10 -3.50 11.46
C ILE A 57 6.20 -5.02 11.36
N TYR A 58 5.15 -5.68 10.92
CA TYR A 58 5.15 -7.12 10.77
C TYR A 58 5.20 -7.53 9.30
N SER A 59 6.07 -8.47 9.01
CA SER A 59 6.24 -9.01 7.66
C SER A 59 6.18 -10.53 7.77
N GLY A 60 5.98 -11.29 6.69
CA GLY A 60 5.86 -12.72 6.76
C GLY A 60 4.69 -13.20 7.63
N ILE A 61 3.56 -12.46 7.62
CA ILE A 61 2.36 -12.82 8.37
C ILE A 61 1.14 -12.88 7.45
N LEU A 62 0.20 -13.72 7.82
CA LEU A 62 -1.04 -13.88 7.09
C LEU A 62 -2.25 -13.42 7.91
N GLU A 63 -2.27 -13.77 9.20
CA GLU A 63 -3.40 -13.59 10.10
C GLU A 63 -3.06 -12.73 11.30
N LEU A 64 -3.76 -11.61 11.52
CA LEU A 64 -3.44 -10.74 12.65
C LEU A 64 -3.57 -11.41 14.03
N SER A 65 -4.53 -12.32 14.20
CA SER A 65 -4.71 -12.98 15.48
C SER A 65 -3.57 -13.97 15.75
N ASP A 66 -2.79 -14.42 14.76
CA ASP A 66 -1.63 -15.28 15.00
C ASP A 66 -0.49 -14.56 15.74
N ILE A 67 -0.43 -13.21 15.70
CA ILE A 67 0.63 -12.41 16.29
C ILE A 67 0.54 -12.54 17.81
N THR A 68 1.68 -12.83 18.46
CA THR A 68 1.74 -12.92 19.90
C THR A 68 3.06 -12.23 20.29
N LYS A 69 3.44 -12.18 21.57
CA LYS A 69 4.63 -11.50 22.05
C LYS A 69 5.90 -12.07 21.40
N ASP A 70 5.93 -13.36 21.04
CA ASP A 70 7.13 -13.99 20.45
C ASP A 70 7.26 -13.81 18.94
N THR A 71 6.22 -13.29 18.25
CA THR A 71 6.24 -13.01 16.81
C THR A 71 7.26 -11.90 16.55
N PRO A 72 8.22 -12.11 15.66
CA PRO A 72 9.18 -11.08 15.33
C PRO A 72 8.54 -9.85 14.65
N PHE A 73 9.10 -8.68 14.86
CA PHE A 73 8.67 -7.47 14.18
C PHE A 73 9.87 -6.56 13.97
N SER A 74 9.74 -5.60 13.07
CA SER A 74 10.74 -4.59 12.82
C SER A 74 10.33 -3.28 13.49
N GLN A 75 11.33 -2.44 13.74
CA GLN A 75 11.16 -1.12 14.33
C GLN A 75 11.62 -0.07 13.35
N ILE A 76 11.11 1.14 13.53
CA ILE A 76 11.42 2.29 12.69
C ILE A 76 12.69 2.99 13.13
N LYS A 77 13.60 3.20 12.18
CA LYS A 77 14.78 3.99 12.41
C LYS A 77 14.55 5.39 11.86
N GLU A 78 13.85 5.50 10.72
CA GLU A 78 13.61 6.80 10.10
C GLU A 78 12.32 6.74 9.27
N ILE A 79 11.58 7.84 9.27
CA ILE A 79 10.40 8.03 8.40
C ILE A 79 10.75 9.20 7.49
N ILE A 80 10.55 9.02 6.19
CA ILE A 80 10.83 10.04 5.21
C ILE A 80 9.52 10.27 4.45
N ILE A 81 8.84 11.37 4.75
CA ILE A 81 7.59 11.78 4.09
C ILE A 81 7.98 12.71 2.94
N HIS A 82 7.34 12.55 1.79
CA HIS A 82 7.63 13.40 0.64
C HIS A 82 7.53 14.88 1.02
N GLN A 83 8.53 15.65 0.62
CA GLN A 83 8.60 17.05 1.00
C GLN A 83 7.39 17.89 0.62
N ASN A 84 6.64 17.44 -0.39
CA ASN A 84 5.47 18.17 -0.86
C ASN A 84 4.12 17.68 -0.34
N TYR A 85 4.12 16.67 0.52
CA TYR A 85 2.91 16.15 1.12
C TYR A 85 2.41 17.19 2.15
N LYS A 86 1.11 17.43 2.11
CA LYS A 86 0.37 18.24 3.07
C LYS A 86 -0.80 17.45 3.59
N VAL A 87 -1.06 17.43 4.92
CA VAL A 87 -2.19 16.73 5.52
C VAL A 87 -3.51 17.17 4.84
N SER A 88 -3.63 18.46 4.49
CA SER A 88 -4.85 18.95 3.88
C SER A 88 -5.08 18.53 2.43
N GLU A 89 -4.12 17.93 1.70
CA GLU A 89 -4.36 17.59 0.28
C GLU A 89 -4.06 16.12 0.05
N GLY A 90 -4.61 15.53 -1.02
CA GLY A 90 -4.38 14.12 -1.37
C GLY A 90 -3.04 13.83 -2.09
N ASN A 91 -2.39 14.83 -2.63
CA ASN A 91 -1.15 14.70 -3.38
C ASN A 91 0.04 14.20 -2.60
N HIS A 92 0.94 13.59 -3.37
CA HIS A 92 2.24 13.18 -2.87
C HIS A 92 2.09 12.27 -1.67
N ASP A 93 1.14 11.34 -1.73
CA ASP A 93 0.89 10.49 -0.59
C ASP A 93 1.82 9.27 -0.64
N ILE A 94 3.06 9.53 -0.20
CA ILE A 94 4.10 8.52 -0.21
C ILE A 94 5.12 8.83 0.89
N ALA A 95 5.57 7.76 1.54
CA ALA A 95 6.57 7.83 2.61
C ALA A 95 7.42 6.56 2.60
N LEU A 96 8.70 6.72 2.91
CA LEU A 96 9.62 5.61 3.12
C LEU A 96 9.86 5.37 4.61
N ILE A 97 9.94 4.12 5.03
CA ILE A 97 10.34 3.78 6.39
C ILE A 97 11.67 3.01 6.30
N LYS A 98 12.71 3.51 6.98
CA LYS A 98 13.96 2.77 7.10
C LYS A 98 13.82 2.00 8.41
N LEU A 99 14.08 0.69 8.37
CA LEU A 99 13.95 -0.19 9.53
C LEU A 99 15.23 -0.12 10.38
N GLN A 100 15.14 -0.47 11.67
CA GLN A 100 16.33 -0.47 12.52
C GLN A 100 17.30 -1.59 12.11
N ALA A 101 16.79 -2.77 11.74
CA ALA A 101 17.66 -3.90 11.31
C ALA A 101 17.25 -4.35 9.89
N PRO A 102 18.17 -4.58 8.95
CA PRO A 102 17.87 -5.22 7.67
C PRO A 102 17.24 -6.58 7.89
N LEU A 103 16.18 -6.86 7.13
CA LEU A 103 15.52 -8.16 7.08
C LEU A 103 16.15 -9.03 6.00
N GLU A 104 16.29 -10.31 6.25
CA GLU A 104 16.77 -11.24 5.25
C GLU A 104 15.56 -11.60 4.38
N TYR A 105 15.82 -11.97 3.11
CA TYR A 105 14.79 -12.38 2.14
C TYR A 105 14.59 -13.88 2.29
N THR A 106 13.36 -14.37 2.44
CA THR A 106 13.03 -15.77 2.61
C THR A 106 11.82 -16.06 1.67
N GLU A 107 11.23 -17.27 1.61
CA GLU A 107 10.06 -17.49 0.73
C GLU A 107 8.83 -16.75 1.24
N PHE A 108 8.84 -16.40 2.54
CA PHE A 108 7.71 -15.73 3.17
C PHE A 108 7.88 -14.24 3.24
N GLN A 109 9.09 -13.71 3.05
CA GLN A 109 9.39 -12.29 3.24
C GLN A 109 10.39 -11.86 2.17
N LYS A 110 9.91 -11.18 1.12
CA LYS A 110 10.73 -10.82 -0.05
C LYS A 110 10.27 -9.45 -0.59
N PRO A 111 11.08 -8.62 -1.24
CA PRO A 111 10.68 -7.34 -1.81
C PRO A 111 9.85 -7.47 -3.08
N ILE A 112 9.08 -6.43 -3.33
CA ILE A 112 8.37 -6.29 -4.59
C ILE A 112 9.29 -5.44 -5.47
N SER A 113 9.48 -5.83 -6.75
CA SER A 113 10.28 -5.05 -7.67
C SER A 113 9.60 -3.74 -8.02
N LEU A 114 10.40 -2.71 -8.11
CA LEU A 114 9.97 -1.40 -8.48
C LEU A 114 9.95 -1.26 -10.01
N PRO A 115 9.12 -0.42 -10.57
CA PRO A 115 9.12 -0.12 -12.00
C PRO A 115 10.31 0.72 -12.45
N SER A 116 10.27 1.13 -13.70
CA SER A 116 11.08 2.25 -14.13
C SER A 116 10.18 3.47 -14.34
N LYS A 117 10.78 4.64 -14.12
CA LYS A 117 10.16 5.94 -14.27
C LYS A 117 9.28 6.14 -15.50
N GLY A 118 9.71 5.75 -16.71
CA GLY A 118 8.90 5.98 -17.90
C GLY A 118 8.15 4.76 -18.43
N ASP A 119 8.46 3.54 -17.97
CA ASP A 119 7.85 2.35 -18.51
C ASP A 119 6.40 2.20 -18.17
N THR A 120 5.76 1.51 -19.09
CA THR A 120 4.32 1.57 -19.21
C THR A 120 3.48 0.65 -18.33
N SER A 121 2.31 1.16 -17.95
CA SER A 121 1.34 0.36 -17.26
C SER A 121 0.33 -0.19 -18.29
N THR A 122 0.38 0.22 -19.58
CA THR A 122 -0.62 -0.24 -20.54
C THR A 122 -0.49 -1.73 -20.87
N ILE A 123 0.60 -2.40 -20.44
CA ILE A 123 0.76 -3.83 -20.69
C ILE A 123 -0.10 -4.67 -19.73
N TYR A 124 -0.62 -3.99 -18.69
CA TYR A 124 -1.43 -4.66 -17.67
C TYR A 124 -2.91 -4.45 -17.96
N THR A 125 -3.68 -5.47 -17.61
CA THR A 125 -5.13 -5.44 -17.67
C THR A 125 -5.67 -5.25 -16.23
N ASN A 126 -5.59 -6.36 -15.46
CA ASN A 126 -6.00 -6.40 -14.06
C ASN A 126 -4.73 -6.51 -13.21
N CYS A 127 -4.84 -5.90 -12.04
CA CYS A 127 -3.78 -5.88 -11.03
C CYS A 127 -4.39 -6.40 -9.74
N TRP A 128 -3.58 -6.59 -8.71
CA TRP A 128 -4.03 -7.14 -7.43
C TRP A 128 -3.74 -6.13 -6.32
N VAL A 129 -4.72 -6.00 -5.41
CA VAL A 129 -4.60 -5.08 -4.25
C VAL A 129 -4.86 -5.95 -3.03
N THR A 130 -4.01 -5.78 -1.99
CA THR A 130 -4.07 -6.65 -0.81
C THR A 130 -4.02 -5.81 0.48
N GLY A 131 -4.54 -6.41 1.56
CA GLY A 131 -4.48 -5.75 2.86
C GLY A 131 -5.46 -6.37 3.86
N TRP A 132 -5.35 -5.84 5.09
CA TRP A 132 -6.23 -6.19 6.22
C TRP A 132 -7.30 -5.12 6.50
N GLY A 133 -7.51 -4.14 5.60
CA GLY A 133 -8.52 -3.10 5.75
C GLY A 133 -9.96 -3.62 5.74
N PHE A 134 -10.91 -2.68 5.85
CA PHE A 134 -12.33 -3.00 5.96
C PHE A 134 -12.81 -3.78 4.74
N SER A 135 -13.76 -4.69 4.96
CA SER A 135 -14.35 -5.45 3.86
C SER A 135 -15.65 -4.81 3.38
N LYS A 136 -16.08 -3.71 4.01
CA LYS A 136 -17.17 -2.87 3.50
C LYS A 136 -16.95 -1.49 4.10
N GLU A 137 -17.56 -0.49 3.48
CA GLU A 137 -17.52 0.88 3.99
C GLU A 137 -18.04 0.84 5.44
N LYS A 138 -17.42 1.52 6.39
CA LYS A 138 -17.85 1.45 7.79
C LYS A 138 -17.82 -0.01 8.30
N GLY A 139 -16.88 -0.83 7.80
CA GLY A 139 -16.71 -2.20 8.24
C GLY A 139 -15.66 -2.27 9.33
N GLU A 140 -14.85 -3.31 9.38
CA GLU A 140 -13.85 -3.53 10.44
C GLU A 140 -12.61 -4.17 9.81
N ILE A 141 -11.45 -3.95 10.43
CA ILE A 141 -10.18 -4.58 10.06
C ILE A 141 -10.39 -6.09 9.96
N GLN A 142 -9.85 -6.72 8.90
CA GLN A 142 -10.02 -8.13 8.64
C GLN A 142 -8.84 -8.92 9.18
N ASN A 143 -9.11 -10.10 9.70
CA ASN A 143 -8.07 -10.88 10.34
C ASN A 143 -7.08 -11.51 9.35
N ILE A 144 -7.58 -12.10 8.27
CA ILE A 144 -6.76 -12.77 7.28
C ILE A 144 -6.53 -11.84 6.08
N LEU A 145 -5.27 -11.69 5.66
CA LEU A 145 -4.87 -10.91 4.50
C LEU A 145 -5.72 -11.23 3.27
N GLN A 146 -6.38 -10.18 2.78
CA GLN A 146 -7.32 -10.26 1.65
C GLN A 146 -6.64 -9.82 0.37
N LYS A 147 -7.12 -10.40 -0.73
CA LYS A 147 -6.66 -10.05 -2.07
C LYS A 147 -7.88 -9.84 -2.97
N VAL A 148 -7.75 -8.89 -3.89
CA VAL A 148 -8.78 -8.67 -4.93
C VAL A 148 -8.10 -8.23 -6.23
N ASN A 149 -8.71 -8.70 -7.33
CA ASN A 149 -8.24 -8.44 -8.69
C ASN A 149 -9.11 -7.32 -9.30
N ILE A 150 -8.50 -6.23 -9.78
CA ILE A 150 -9.20 -5.05 -10.25
C ILE A 150 -8.54 -4.51 -11.49
N PRO A 151 -9.24 -4.11 -12.55
CA PRO A 151 -8.62 -3.46 -13.70
C PRO A 151 -8.21 -2.00 -13.46
N LEU A 152 -7.10 -1.61 -14.07
CA LEU A 152 -6.67 -0.22 -14.06
C LEU A 152 -7.64 0.55 -14.97
N VAL A 153 -7.88 1.82 -14.71
CA VAL A 153 -8.70 2.66 -15.59
C VAL A 153 -7.77 3.85 -15.97
N THR A 154 -8.05 4.59 -17.04
CA THR A 154 -7.22 5.74 -17.35
C THR A 154 -7.48 6.86 -16.32
N ASN A 155 -6.52 7.79 -16.20
CA ASN A 155 -6.68 8.98 -15.36
C ASN A 155 -7.83 9.85 -15.86
N GLU A 156 -8.07 9.95 -17.17
CA GLU A 156 -9.18 10.72 -17.74
C GLU A 156 -10.50 10.13 -17.25
N GLU A 157 -10.66 8.81 -17.31
CA GLU A 157 -11.83 8.15 -16.75
C GLU A 157 -12.00 8.40 -15.27
N CYS A 158 -10.92 8.24 -14.49
CA CYS A 158 -10.94 8.45 -13.06
C CYS A 158 -11.36 9.88 -12.69
N GLN A 159 -10.82 10.87 -13.41
CA GLN A 159 -11.09 12.27 -13.10
C GLN A 159 -12.57 12.61 -13.36
N LYS A 160 -13.31 11.91 -14.23
CA LYS A 160 -14.74 12.08 -14.36
C LYS A 160 -15.48 11.90 -13.07
N ARG A 161 -14.97 11.12 -12.10
CA ARG A 161 -15.68 10.72 -10.90
C ARG A 161 -15.26 11.45 -9.65
N TYR A 162 -14.30 12.36 -9.76
CA TYR A 162 -13.74 13.10 -8.64
C TYR A 162 -13.68 14.61 -8.96
N GLN A 163 -13.50 15.45 -7.94
CA GLN A 163 -13.42 16.88 -8.11
C GLN A 163 -12.24 17.27 -8.99
N ASP A 164 -12.37 18.35 -9.77
CA ASP A 164 -11.32 18.79 -10.65
C ASP A 164 -10.00 18.93 -9.93
N TYR A 165 -9.00 18.49 -10.67
CA TYR A 165 -7.61 18.55 -10.30
C TYR A 165 -7.22 17.51 -9.25
N LYS A 166 -8.14 16.75 -8.67
CA LYS A 166 -7.78 15.81 -7.62
C LYS A 166 -7.03 14.62 -8.18
N ILE A 167 -7.10 14.31 -9.47
CA ILE A 167 -6.41 13.14 -9.99
C ILE A 167 -5.24 13.68 -10.81
N THR A 168 -3.99 13.51 -10.34
CA THR A 168 -2.85 14.03 -11.07
C THR A 168 -2.14 12.92 -11.85
N GLN A 169 -1.17 13.30 -12.69
CA GLN A 169 -0.37 12.33 -13.46
C GLN A 169 0.47 11.44 -12.53
N ARG A 170 0.61 11.82 -11.25
CA ARG A 170 1.37 11.02 -10.31
C ARG A 170 0.46 10.10 -9.50
N MET A 171 -0.76 9.85 -9.97
CA MET A 171 -1.73 8.89 -9.39
C MET A 171 -2.23 7.96 -10.52
N VAL A 172 -2.71 6.80 -10.10
CA VAL A 172 -3.31 5.82 -10.99
C VAL A 172 -4.55 5.30 -10.23
N CYS A 173 -5.61 4.98 -10.96
CA CYS A 173 -6.86 4.53 -10.41
C CYS A 173 -7.18 3.13 -10.90
N ALA A 174 -7.99 2.41 -10.14
CA ALA A 174 -8.46 1.07 -10.52
C ALA A 174 -9.86 0.83 -9.97
N GLY A 175 -10.80 0.28 -10.75
CA GLY A 175 -12.15 0.02 -10.26
C GLY A 175 -12.97 -0.63 -11.36
N TYR A 176 -14.12 -1.10 -11.00
CA TYR A 176 -15.12 -1.71 -11.88
C TYR A 176 -16.28 -0.73 -12.06
N LYS A 177 -16.88 -0.63 -13.24
CA LYS A 177 -18.03 0.23 -13.50
C LYS A 177 -19.13 0.08 -12.43
N GLU A 178 -19.53 -1.15 -12.07
CA GLU A 178 -20.54 -1.36 -11.06
C GLU A 178 -19.99 -1.66 -9.66
N GLY A 179 -18.69 -1.38 -9.40
CA GLY A 179 -18.07 -1.47 -8.09
C GLY A 179 -18.07 -2.87 -7.52
N GLY A 180 -18.10 -2.94 -6.17
CA GLY A 180 -18.14 -4.19 -5.41
C GLY A 180 -16.75 -4.74 -5.04
N LYS A 181 -15.66 -4.19 -5.59
CA LYS A 181 -14.28 -4.68 -5.36
C LYS A 181 -13.39 -3.44 -5.32
N ASP A 182 -12.67 -3.26 -4.22
CA ASP A 182 -11.86 -2.04 -4.01
C ASP A 182 -11.05 -2.21 -2.73
N ALA A 183 -10.10 -1.30 -2.57
CA ALA A 183 -9.42 -1.14 -1.28
C ALA A 183 -10.35 -0.33 -0.38
N CYS A 184 -10.05 -0.28 0.92
CA CYS A 184 -10.89 0.47 1.87
C CYS A 184 -9.99 0.85 3.05
N LYS A 185 -10.56 1.50 4.07
CA LYS A 185 -9.77 1.98 5.21
C LYS A 185 -8.99 0.86 5.87
N GLY A 186 -7.70 1.10 6.15
CA GLY A 186 -6.85 0.09 6.72
C GLY A 186 -5.98 -0.55 5.66
N ASP A 187 -6.33 -0.42 4.38
CA ASP A 187 -5.47 -0.90 3.30
C ASP A 187 -4.47 0.15 2.85
N SER A 188 -4.64 1.43 3.25
CA SER A 188 -3.77 2.54 2.91
C SER A 188 -2.28 2.19 3.16
N GLY A 189 -1.43 2.56 2.21
CA GLY A 189 0.00 2.31 2.26
C GLY A 189 0.41 0.97 1.64
N GLY A 190 -0.53 0.03 1.48
CA GLY A 190 -0.24 -1.27 0.93
C GLY A 190 -0.07 -1.18 -0.60
N PRO A 191 0.19 -2.37 -1.18
CA PRO A 191 0.50 -2.51 -2.60
C PRO A 191 -0.70 -2.62 -3.54
N LEU A 192 -0.49 -2.07 -4.75
CA LEU A 192 -1.26 -2.43 -5.94
C LEU A 192 -0.09 -2.95 -6.85
N VAL A 193 -0.15 -4.28 -7.12
CA VAL A 193 0.89 -4.92 -7.94
C VAL A 193 0.26 -5.50 -9.21
N CYS A 194 1.05 -5.48 -10.28
CA CYS A 194 0.59 -6.04 -11.55
C CYS A 194 1.68 -6.99 -12.09
N LYS A 195 1.27 -8.08 -12.75
CA LYS A 195 2.20 -9.08 -13.28
C LYS A 195 2.12 -9.12 -14.81
N HIS A 196 3.25 -9.12 -15.48
CA HIS A 196 3.32 -9.32 -16.92
C HIS A 196 4.62 -10.08 -17.20
N ASN A 197 4.55 -11.10 -18.08
CA ASN A 197 5.74 -11.86 -18.52
C ASN A 197 6.49 -12.46 -17.30
N GLY A 198 5.64 -12.94 -16.40
CA GLY A 198 5.97 -13.65 -15.18
C GLY A 198 6.55 -12.79 -14.05
N MET A 199 6.58 -11.48 -14.24
CA MET A 199 7.22 -10.60 -13.26
C MET A 199 6.24 -9.62 -12.63
N TRP A 200 6.26 -9.53 -11.32
CA TRP A 200 5.46 -8.58 -10.57
C TRP A 200 6.14 -7.20 -10.45
N ARG A 201 5.37 -6.11 -10.53
CA ARG A 201 5.87 -4.76 -10.32
C ARG A 201 4.91 -4.04 -9.38
N LEU A 202 5.49 -3.19 -8.52
CA LEU A 202 4.67 -2.33 -7.64
C LEU A 202 4.26 -1.13 -8.48
N VAL A 203 2.97 -1.09 -8.86
CA VAL A 203 2.48 0.01 -9.67
C VAL A 203 1.84 1.12 -8.82
N GLY A 204 1.11 0.78 -7.74
CA GLY A 204 0.47 1.81 -6.92
C GLY A 204 0.64 1.53 -5.42
N ILE A 205 0.40 2.62 -4.67
CA ILE A 205 0.31 2.58 -3.20
C ILE A 205 -1.14 3.03 -2.87
N THR A 206 -1.87 2.17 -2.15
CA THR A 206 -3.25 2.47 -1.77
C THR A 206 -3.31 3.79 -1.01
N SER A 207 -4.16 4.70 -1.52
CA SER A 207 -4.19 6.06 -0.99
C SER A 207 -5.55 6.54 -0.55
N TRP A 208 -6.55 6.64 -1.44
CA TRP A 208 -7.85 7.16 -1.03
C TRP A 208 -8.95 6.79 -2.04
N GLY A 209 -10.19 7.13 -1.70
CA GLY A 209 -11.34 6.98 -2.58
C GLY A 209 -12.55 7.63 -1.90
N GLU A 210 -13.64 7.71 -2.65
CA GLU A 210 -14.92 8.24 -2.16
C GLU A 210 -15.74 7.05 -1.69
N GLY A 211 -15.75 6.81 -0.38
CA GLY A 211 -16.33 5.62 0.19
C GLY A 211 -15.41 4.43 -0.20
N CYS A 212 -15.99 3.28 -0.40
CA CYS A 212 -15.27 2.09 -0.81
C CYS A 212 -16.17 1.25 -1.70
N ALA A 213 -15.68 0.83 -2.87
CA ALA A 213 -16.35 -0.12 -3.78
C ALA A 213 -17.71 0.34 -4.37
N ARG A 214 -17.94 1.65 -4.37
CA ARG A 214 -19.13 2.20 -5.02
C ARG A 214 -19.01 2.08 -6.56
N ARG A 215 -20.15 2.07 -7.25
CA ARG A 215 -20.16 2.04 -8.70
C ARG A 215 -19.54 3.32 -9.23
N GLU A 216 -18.85 3.28 -10.37
CA GLU A 216 -18.26 4.43 -11.02
C GLU A 216 -17.44 5.30 -10.06
N GLN A 217 -16.62 4.62 -9.28
CA GLN A 217 -15.86 5.31 -8.25
C GLN A 217 -14.54 4.54 -8.03
N PRO A 218 -13.59 4.64 -8.99
CA PRO A 218 -12.34 3.87 -8.90
C PRO A 218 -11.52 4.30 -7.69
N GLY A 219 -10.83 3.35 -7.05
CA GLY A 219 -9.89 3.65 -5.98
C GLY A 219 -8.69 4.42 -6.58
N VAL A 220 -8.06 5.28 -5.77
CA VAL A 220 -6.97 6.13 -6.18
C VAL A 220 -5.72 5.70 -5.41
N TYR A 221 -4.64 5.57 -6.18
CA TYR A 221 -3.33 5.10 -5.72
C TYR A 221 -2.23 6.09 -6.12
N THR A 222 -1.17 6.20 -5.31
CA THR A 222 0.02 6.94 -5.72
C THR A 222 0.73 6.07 -6.80
N LYS A 223 1.09 6.67 -7.93
CA LYS A 223 1.70 5.95 -9.05
C LYS A 223 3.22 5.91 -8.78
N VAL A 224 3.71 4.70 -8.42
CA VAL A 224 5.11 4.53 -7.98
C VAL A 224 6.14 4.93 -9.03
N ALA A 225 5.90 4.66 -10.33
CA ALA A 225 6.81 5.04 -11.41
C ALA A 225 7.09 6.55 -11.44
N GLU A 226 6.10 7.35 -11.02
CA GLU A 226 6.24 8.80 -10.95
C GLU A 226 7.04 9.31 -9.76
N TYR A 227 7.47 8.43 -8.86
CA TYR A 227 8.27 8.82 -7.71
C TYR A 227 9.58 8.05 -7.68
N MET A 228 9.99 7.38 -8.77
CA MET A 228 11.21 6.57 -8.72
C MET A 228 12.46 7.40 -8.48
N ASP A 229 12.58 8.62 -9.00
CA ASP A 229 13.76 9.44 -8.73
C ASP A 229 13.86 9.75 -7.25
N TRP A 230 12.73 10.09 -6.62
CA TRP A 230 12.65 10.38 -5.18
C TRP A 230 13.00 9.12 -4.39
N ILE A 231 12.44 7.96 -4.76
CA ILE A 231 12.70 6.73 -4.03
C ILE A 231 14.19 6.37 -4.11
N LEU A 232 14.81 6.47 -5.30
CA LEU A 232 16.23 6.08 -5.44
C LEU A 232 17.12 7.10 -4.76
N GLU A 233 16.78 8.39 -4.79
CA GLU A 233 17.59 9.36 -4.08
C GLU A 233 17.53 9.14 -2.58
N LYS A 234 16.34 8.86 -2.04
CA LYS A 234 16.19 8.77 -0.60
C LYS A 234 16.76 7.50 -0.01
N THR A 235 16.75 6.41 -0.78
CA THR A 235 17.25 5.12 -0.29
C THR A 235 18.72 4.82 -0.61
N GLN A 236 19.45 5.70 -1.30
CA GLN A 236 20.81 5.36 -1.74
C GLN A 236 21.76 5.15 -0.57
N SER A 237 22.79 4.31 -0.67
CA SER A 237 23.81 4.18 0.36
C SER A 237 24.35 5.51 0.88
N SER A 238 24.72 5.42 2.16
CA SER A 238 25.34 6.54 2.85
C SER A 238 26.78 6.40 2.37
#